data_8AEM
#
_entry.id   8AEM
#
_cell.length_a   58.720
_cell.length_b   45.886
_cell.length_c   63.339
_cell.angle_alpha   90.000
_cell.angle_beta   111.630
_cell.angle_gamma   90.000
#
_symmetry.space_group_name_H-M   'P 1 21 1'
#
loop_
_entity.id
_entity.type
_entity.pdbx_description
1 polymer 'Casein kinase II subunit alpha'
2 non-polymer 'ACETATE ION'
3 non-polymer 2-(5-chloranyl-1H-indol-3-yl)ethanenitrile
4 non-polymer "ADENOSINE-5'-TRIPHOSPHATE"
5 water water
#
_entity_poly.entity_id   1
_entity_poly.type   'polypeptide(L)'
_entity_poly.pdbx_seq_one_letter_code
;SGPVPSRARVYTDVNTHRPSEYWDYESHVVEWGNQDDYQLVRKLGRGKYSEVFEAINITNNEKVVVKILKPVAAAKIKRE
IKILENLRGGPNIITLADIVKDPVSRTPALVFEHVNNTDFKQLYQTLTDYDIRFYMYEILKALDYCHSMGIMHRDVKPHN
VMIDHEHRKLRLIDWGLAEFYHPGQEYNVRVASRYFKGPELLVDYQMYDYSLDMWSLGCMLASMIFRKEPFFHGHDNYDQ
LVRIAKVLGTEDLYDYIDKYNIELDPRFNDILGRHSRKRWERFVHSENQHLVSPEALDFLDKLLRYDHQSRLTAREAMEH
PYFYTVVK
;
_entity_poly.pdbx_strand_id   A
#
loop_
_chem_comp.id
_chem_comp.type
_chem_comp.name
_chem_comp.formula
ACT non-polymer 'ACETATE ION' 'C2 H3 O2 -1'
ATP non-polymer ADENOSINE-5'-TRIPHOSPHATE 'C10 H16 N5 O13 P3'
LVF non-polymer 2-(5-chloranyl-1H-indol-3-yl)ethanenitrile 'C10 H7 Cl N2'
#
# COMPACT_ATOMS: atom_id res chain seq x y z
N GLY A 2 22.36 -13.28 -14.82
CA GLY A 2 21.62 -12.20 -14.17
C GLY A 2 20.69 -12.68 -13.06
N PRO A 3 19.78 -11.80 -12.54
CA PRO A 3 18.89 -12.27 -11.46
C PRO A 3 18.00 -13.45 -11.83
N VAL A 4 17.61 -14.21 -10.82
CA VAL A 4 16.73 -15.37 -10.96
C VAL A 4 15.30 -14.80 -11.01
N PRO A 5 14.44 -15.25 -11.95
CA PRO A 5 13.07 -14.72 -12.00
C PRO A 5 12.21 -15.15 -10.81
N SER A 6 11.10 -14.45 -10.64
CA SER A 6 10.18 -14.70 -9.55
C SER A 6 8.78 -14.44 -10.01
N ARG A 7 7.83 -15.17 -9.39
N ARG A 7 7.82 -15.15 -9.39
CA ARG A 7 6.41 -14.98 -9.60
CA ARG A 7 6.41 -14.93 -9.64
C ARG A 7 5.67 -15.07 -8.27
C ARG A 7 5.63 -15.14 -8.37
N ALA A 8 4.51 -14.41 -8.23
CA ALA A 8 3.64 -14.48 -7.06
C ALA A 8 3.21 -15.93 -6.83
N ARG A 9 3.01 -16.28 -5.56
CA ARG A 9 2.55 -17.59 -5.21
C ARG A 9 1.03 -17.69 -5.26
N VAL A 10 0.34 -16.55 -5.48
CA VAL A 10 -1.11 -16.47 -5.56
C VAL A 10 -1.52 -15.54 -6.73
N TYR A 11 -2.74 -15.73 -7.29
CA TYR A 11 -3.30 -14.82 -8.31
C TYR A 11 -2.34 -14.54 -9.49
N THR A 12 -1.59 -15.57 -9.87
N THR A 12 -1.56 -15.55 -9.94
CA THR A 12 -0.60 -15.52 -10.92
CA THR A 12 -0.65 -15.30 -11.08
C THR A 12 -1.25 -15.30 -12.31
C THR A 12 -1.36 -15.16 -12.39
N ASP A 13 -2.39 -15.98 -12.62
CA ASP A 13 -3.09 -16.00 -13.91
C ASP A 13 -4.30 -15.11 -14.04
N VAL A 14 -4.57 -14.23 -13.04
CA VAL A 14 -5.76 -13.40 -13.06
C VAL A 14 -5.85 -12.59 -14.37
N ASN A 15 -4.76 -11.88 -14.74
CA ASN A 15 -4.82 -10.99 -15.91
C ASN A 15 -4.80 -11.72 -17.25
N THR A 16 -4.33 -12.95 -17.30
CA THR A 16 -4.32 -13.66 -18.60
C THR A 16 -5.68 -14.24 -18.95
N HIS A 17 -6.48 -14.50 -17.95
CA HIS A 17 -7.81 -15.10 -18.19
C HIS A 17 -8.88 -14.04 -18.42
N ARG A 18 -8.63 -12.82 -17.94
N ARG A 18 -8.63 -12.82 -17.94
CA ARG A 18 -9.60 -11.71 -18.14
CA ARG A 18 -9.60 -11.71 -18.14
C ARG A 18 -9.52 -11.24 -19.59
C ARG A 18 -9.52 -11.24 -19.59
N PRO A 19 -10.55 -10.52 -20.10
CA PRO A 19 -10.47 -10.00 -21.45
C PRO A 19 -9.35 -8.94 -21.40
N SER A 20 -8.69 -8.70 -22.52
CA SER A 20 -7.57 -7.72 -22.56
C SER A 20 -8.06 -6.32 -22.14
N GLU A 21 -9.33 -6.07 -22.34
CA GLU A 21 -9.91 -4.75 -22.03
C GLU A 21 -9.74 -4.47 -20.54
N TYR A 22 -9.59 -5.53 -19.75
CA TYR A 22 -9.52 -5.36 -18.28
C TYR A 22 -8.19 -4.72 -17.84
N TRP A 23 -7.09 -5.09 -18.46
CA TRP A 23 -5.75 -4.61 -18.00
C TRP A 23 -5.06 -3.69 -19.03
N ASP A 24 -5.52 -3.73 -20.28
CA ASP A 24 -4.93 -2.87 -21.34
C ASP A 24 -5.49 -1.47 -21.16
N TYR A 25 -4.92 -0.73 -20.23
CA TYR A 25 -5.52 0.58 -19.86
C TYR A 25 -5.31 1.65 -20.95
N GLU A 26 -4.34 1.48 -21.83
CA GLU A 26 -4.07 2.44 -22.92
C GLU A 26 -5.24 2.51 -23.89
N SER A 27 -5.84 1.35 -24.19
CA SER A 27 -6.97 1.21 -25.10
C SER A 27 -8.31 1.67 -24.53
N HIS A 28 -8.37 1.95 -23.20
CA HIS A 28 -9.59 2.35 -22.48
C HIS A 28 -10.11 3.74 -22.87
N VAL A 29 -11.39 3.80 -23.26
CA VAL A 29 -12.03 5.06 -23.63
C VAL A 29 -12.78 5.62 -22.40
N VAL A 30 -12.27 6.75 -21.89
CA VAL A 30 -12.82 7.44 -20.71
C VAL A 30 -14.21 8.00 -21.01
N GLU A 31 -15.17 7.79 -20.08
CA GLU A 31 -16.53 8.32 -20.19
C GLU A 31 -16.58 9.59 -19.33
N TRP A 32 -16.49 10.76 -19.98
CA TRP A 32 -16.45 12.06 -19.30
C TRP A 32 -17.80 12.53 -18.77
N GLY A 33 -17.81 12.97 -17.51
CA GLY A 33 -18.99 13.51 -16.84
C GLY A 33 -19.07 15.02 -17.00
N ASN A 34 -20.02 15.66 -16.31
CA ASN A 34 -20.20 17.12 -16.39
C ASN A 34 -19.48 17.87 -15.24
N GLN A 35 -18.44 18.66 -15.56
CA GLN A 35 -17.71 19.42 -14.54
C GLN A 35 -18.59 20.41 -13.72
N ASP A 36 -19.70 20.94 -14.31
CA ASP A 36 -20.59 21.88 -13.60
C ASP A 36 -21.35 21.25 -12.44
N ASP A 37 -21.37 19.89 -12.37
CA ASP A 37 -22.03 19.23 -11.24
C ASP A 37 -21.28 19.46 -9.93
N TYR A 38 -20.00 19.89 -10.00
CA TYR A 38 -19.14 20.02 -8.82
C TYR A 38 -18.67 21.44 -8.57
N GLN A 39 -18.81 21.89 -7.31
CA GLN A 39 -18.38 23.21 -6.85
C GLN A 39 -17.29 22.98 -5.80
N LEU A 40 -16.06 23.47 -6.12
CA LEU A 40 -14.91 23.32 -5.24
C LEU A 40 -15.14 24.17 -3.98
N VAL A 41 -14.86 23.61 -2.78
CA VAL A 41 -15.11 24.26 -1.49
C VAL A 41 -13.81 24.73 -0.83
N ARG A 42 -12.83 23.84 -0.67
CA ARG A 42 -11.54 24.18 -0.08
C ARG A 42 -10.47 23.19 -0.50
N LYS A 43 -9.26 23.69 -0.67
CA LYS A 43 -8.11 22.88 -1.02
C LYS A 43 -7.72 22.06 0.23
N LEU A 44 -7.67 20.71 0.10
CA LEU A 44 -7.27 19.84 1.21
C LEU A 44 -5.77 19.60 1.21
N GLY A 45 -5.17 19.57 0.03
CA GLY A 45 -3.73 19.38 -0.12
C GLY A 45 -3.23 19.37 -1.55
N ARG A 46 -1.92 19.41 -1.68
CA ARG A 46 -1.24 19.34 -2.95
C ARG A 46 -0.10 18.36 -2.76
N GLY A 47 -0.16 17.29 -3.54
CA GLY A 47 0.86 16.26 -3.52
C GLY A 47 1.81 16.48 -4.68
N LYS A 48 2.59 15.47 -4.99
CA LYS A 48 3.55 15.52 -6.09
C LYS A 48 2.86 15.50 -7.45
N TYR A 49 1.74 14.76 -7.55
CA TYR A 49 1.03 14.52 -8.82
C TYR A 49 -0.38 15.11 -8.95
N SER A 50 -0.90 15.76 -7.92
CA SER A 50 -2.25 16.31 -7.96
C SER A 50 -2.51 17.33 -6.87
N GLU A 51 -3.65 18.04 -7.00
CA GLU A 51 -4.18 18.98 -6.03
C GLU A 51 -5.55 18.39 -5.65
N VAL A 52 -5.77 18.17 -4.35
CA VAL A 52 -6.99 17.57 -3.84
C VAL A 52 -7.89 18.65 -3.21
N PHE A 53 -9.20 18.61 -3.50
CA PHE A 53 -10.15 19.58 -3.00
C PHE A 53 -11.39 18.92 -2.43
N GLU A 54 -11.97 19.53 -1.39
CA GLU A 54 -13.26 19.15 -0.87
C GLU A 54 -14.22 19.91 -1.80
N ALA A 55 -15.28 19.25 -2.24
CA ALA A 55 -16.25 19.86 -3.15
C ALA A 55 -17.63 19.37 -2.82
N ILE A 56 -18.63 19.93 -3.47
CA ILE A 56 -20.05 19.57 -3.28
C ILE A 56 -20.59 19.18 -4.64
N ASN A 57 -21.33 18.06 -4.70
CA ASN A 57 -21.99 17.59 -5.90
C ASN A 57 -23.35 18.27 -5.81
N ILE A 58 -23.55 19.32 -6.60
CA ILE A 58 -24.78 20.14 -6.54
C ILE A 58 -26.03 19.40 -7.10
N THR A 59 -25.89 18.19 -7.69
CA THR A 59 -27.05 17.42 -8.22
C THR A 59 -27.72 16.54 -7.15
N ASN A 60 -27.05 16.38 -5.99
CA ASN A 60 -27.56 15.56 -4.88
C ASN A 60 -27.18 16.17 -3.52
N ASN A 61 -26.50 17.34 -3.52
CA ASN A 61 -26.08 18.11 -2.33
C ASN A 61 -25.00 17.37 -1.49
N GLU A 62 -24.40 16.30 -2.03
CA GLU A 62 -23.42 15.49 -1.31
C GLU A 62 -21.99 15.96 -1.43
N LYS A 63 -21.21 15.80 -0.34
CA LYS A 63 -19.80 16.14 -0.27
C LYS A 63 -19.02 15.14 -1.10
N VAL A 64 -18.04 15.63 -1.85
CA VAL A 64 -17.16 14.79 -2.67
C VAL A 64 -15.72 15.26 -2.53
N VAL A 65 -14.77 14.46 -3.00
CA VAL A 65 -13.39 14.89 -3.00
C VAL A 65 -12.95 14.89 -4.46
N VAL A 66 -12.33 16.01 -4.90
CA VAL A 66 -11.86 16.13 -6.28
C VAL A 66 -10.32 16.14 -6.32
N LYS A 67 -9.75 15.24 -7.13
CA LYS A 67 -8.31 15.12 -7.30
C LYS A 67 -8.01 15.62 -8.71
N ILE A 68 -7.41 16.81 -8.83
CA ILE A 68 -7.10 17.38 -10.16
C ILE A 68 -5.66 17.06 -10.43
N LEU A 69 -5.46 16.18 -11.39
CA LEU A 69 -4.14 15.66 -11.76
C LEU A 69 -3.26 16.71 -12.39
N LYS A 70 -1.99 16.74 -11.98
CA LYS A 70 -1.02 17.65 -12.57
C LYS A 70 -0.64 17.06 -13.94
N PRO A 71 -0.36 17.88 -14.99
CA PRO A 71 0.04 17.28 -16.29
C PRO A 71 1.40 16.59 -16.11
N VAL A 72 1.41 15.25 -16.29
CA VAL A 72 2.62 14.44 -16.09
C VAL A 72 2.82 13.46 -17.29
N ALA A 73 1.98 12.41 -17.39
CA ALA A 73 2.01 11.37 -18.43
C ALA A 73 0.64 10.70 -18.52
N ALA A 74 0.04 10.70 -19.74
CA ALA A 74 -1.27 10.11 -20.04
C ALA A 74 -1.38 8.62 -19.69
N ALA A 75 -0.23 7.89 -19.69
CA ALA A 75 -0.18 6.46 -19.35
C ALA A 75 -0.52 6.22 -17.88
N LYS A 76 0.02 7.07 -16.97
CA LYS A 76 -0.22 7.02 -15.53
C LYS A 76 -1.69 7.34 -15.19
N ILE A 77 -2.31 8.28 -15.94
CA ILE A 77 -3.70 8.73 -15.71
C ILE A 77 -4.74 7.66 -16.05
N LYS A 78 -4.65 7.08 -17.28
CA LYS A 78 -5.58 6.03 -17.75
C LYS A 78 -5.42 4.75 -16.91
N ARG A 79 -4.22 4.54 -16.36
CA ARG A 79 -3.97 3.35 -15.52
C ARG A 79 -4.75 3.48 -14.21
N GLU A 80 -4.66 4.66 -13.55
CA GLU A 80 -5.39 4.92 -12.28
C GLU A 80 -6.88 4.80 -12.52
N ILE A 81 -7.37 5.38 -13.66
CA ILE A 81 -8.79 5.29 -13.96
C ILE A 81 -9.26 3.84 -14.15
N LYS A 82 -8.50 3.06 -14.94
CA LYS A 82 -8.86 1.67 -15.21
C LYS A 82 -8.88 0.84 -13.90
N ILE A 83 -7.89 1.03 -13.04
CA ILE A 83 -7.83 0.31 -11.77
C ILE A 83 -9.02 0.67 -10.84
N LEU A 84 -9.31 1.98 -10.71
CA LEU A 84 -10.43 2.43 -9.87
C LEU A 84 -11.75 1.87 -10.39
N GLU A 85 -11.95 1.87 -11.73
CA GLU A 85 -13.16 1.32 -12.32
C GLU A 85 -13.22 -0.21 -12.11
N ASN A 86 -12.07 -0.91 -12.28
CA ASN A 86 -12.03 -2.36 -12.05
C ASN A 86 -12.35 -2.72 -10.59
N LEU A 87 -11.86 -1.91 -9.64
CA LEU A 87 -12.02 -2.19 -8.22
C LEU A 87 -13.29 -1.65 -7.57
N ARG A 88 -14.04 -0.80 -8.30
CA ARG A 88 -15.21 -0.12 -7.79
C ARG A 88 -16.20 -1.10 -7.17
N GLY A 89 -16.66 -0.76 -5.96
CA GLY A 89 -17.60 -1.58 -5.21
C GLY A 89 -16.95 -2.64 -4.33
N GLY A 90 -15.63 -2.84 -4.49
CA GLY A 90 -14.85 -3.81 -3.72
C GLY A 90 -14.77 -3.44 -2.23
N PRO A 91 -14.56 -4.42 -1.32
CA PRO A 91 -14.52 -4.07 0.11
C PRO A 91 -13.43 -3.09 0.48
N ASN A 92 -13.84 -1.97 1.12
CA ASN A 92 -12.97 -0.90 1.64
C ASN A 92 -12.12 -0.18 0.59
N ILE A 93 -12.56 -0.25 -0.67
CA ILE A 93 -11.89 0.41 -1.80
C ILE A 93 -12.59 1.77 -2.00
N ILE A 94 -11.83 2.87 -2.09
CA ILE A 94 -12.43 4.17 -2.34
C ILE A 94 -13.25 4.12 -3.65
N THR A 95 -14.44 4.74 -3.63
CA THR A 95 -15.31 4.73 -4.80
C THR A 95 -15.04 5.93 -5.69
N LEU A 96 -14.71 5.67 -6.96
CA LEU A 96 -14.58 6.74 -7.95
C LEU A 96 -16.03 7.05 -8.41
N ALA A 97 -16.52 8.26 -8.11
CA ALA A 97 -17.88 8.68 -8.44
C ALA A 97 -18.00 9.22 -9.86
N ASP A 98 -16.95 9.90 -10.36
CA ASP A 98 -17.00 10.52 -11.68
C ASP A 98 -15.63 10.94 -12.14
N ILE A 99 -15.52 11.27 -13.42
CA ILE A 99 -14.31 11.73 -14.08
C ILE A 99 -14.78 12.91 -14.92
N VAL A 100 -14.17 14.09 -14.69
CA VAL A 100 -14.52 15.33 -15.42
C VAL A 100 -13.22 15.99 -15.95
N LYS A 101 -13.37 16.89 -16.94
CA LYS A 101 -12.22 17.62 -17.45
C LYS A 101 -12.25 18.94 -16.67
N ASP A 102 -11.17 19.25 -15.95
CA ASP A 102 -11.18 20.50 -15.21
C ASP A 102 -10.98 21.64 -16.21
N PRO A 103 -11.85 22.68 -16.17
CA PRO A 103 -11.73 23.79 -17.14
C PRO A 103 -10.49 24.67 -16.98
N VAL A 104 -9.86 24.68 -15.80
CA VAL A 104 -8.70 25.54 -15.58
C VAL A 104 -7.42 24.82 -16.00
N SER A 105 -7.15 23.65 -15.40
CA SER A 105 -5.95 22.85 -15.64
C SER A 105 -5.88 22.18 -17.03
N ARG A 106 -7.06 21.94 -17.66
CA ARG A 106 -7.25 21.24 -18.94
C ARG A 106 -6.76 19.78 -18.80
N THR A 107 -6.94 19.24 -17.60
CA THR A 107 -6.50 17.91 -17.24
C THR A 107 -7.67 17.18 -16.53
N PRO A 108 -7.63 15.83 -16.44
CA PRO A 108 -8.73 15.13 -15.76
C PRO A 108 -8.75 15.38 -14.27
N ALA A 109 -9.95 15.43 -13.72
CA ALA A 109 -10.26 15.58 -12.31
C ALA A 109 -11.05 14.35 -11.87
N LEU A 110 -10.45 13.54 -10.99
CA LEU A 110 -11.15 12.38 -10.46
C LEU A 110 -11.99 12.78 -9.27
N VAL A 111 -13.26 12.40 -9.29
CA VAL A 111 -14.25 12.71 -8.26
C VAL A 111 -14.48 11.45 -7.44
N PHE A 112 -14.21 11.52 -6.14
CA PHE A 112 -14.36 10.40 -5.18
C PHE A 112 -15.42 10.67 -4.13
N GLU A 113 -15.95 9.59 -3.54
CA GLU A 113 -16.89 9.69 -2.43
C GLU A 113 -16.11 10.33 -1.28
N HIS A 114 -16.78 11.15 -0.48
CA HIS A 114 -16.10 11.83 0.63
C HIS A 114 -16.08 10.92 1.87
N VAL A 115 -14.95 10.90 2.57
CA VAL A 115 -14.83 10.16 3.83
C VAL A 115 -14.66 11.22 4.93
N ASN A 116 -15.54 11.23 5.93
CA ASN A 116 -15.48 12.14 7.10
C ASN A 116 -14.40 11.55 8.01
N ASN A 117 -13.18 11.74 7.63
CA ASN A 117 -12.08 11.09 8.27
C ASN A 117 -11.49 11.65 9.49
N THR A 118 -11.15 10.72 10.35
CA THR A 118 -10.53 10.99 11.61
C THR A 118 -9.13 11.39 11.35
N ASP A 119 -8.71 12.40 12.11
CA ASP A 119 -7.36 12.94 11.98
C ASP A 119 -6.31 11.83 12.12
N PHE A 120 -5.25 11.90 11.33
CA PHE A 120 -4.21 10.86 11.34
C PHE A 120 -3.43 10.85 12.66
N LYS A 121 -3.08 11.98 13.25
CA LYS A 121 -2.31 11.86 14.50
C LYS A 121 -3.22 11.26 15.57
N GLN A 122 -4.50 11.60 15.53
CA GLN A 122 -5.45 11.16 16.49
C GLN A 122 -5.55 9.65 16.40
N LEU A 123 -5.54 9.13 15.20
CA LEU A 123 -5.65 7.70 15.01
C LEU A 123 -4.41 7.01 15.60
N TYR A 124 -3.25 7.51 15.19
CA TYR A 124 -1.98 6.98 15.65
C TYR A 124 -1.92 6.96 17.19
N GLN A 125 -2.39 8.05 17.79
CA GLN A 125 -2.32 8.17 19.23
C GLN A 125 -3.37 7.50 20.04
N THR A 126 -4.55 7.25 19.50
CA THR A 126 -5.63 6.70 20.31
C THR A 126 -6.20 5.34 19.94
N LEU A 127 -5.88 4.76 18.75
CA LEU A 127 -6.45 3.45 18.47
C LEU A 127 -6.00 2.43 19.50
N THR A 128 -6.93 1.66 20.03
CA THR A 128 -6.64 0.65 21.06
C THR A 128 -6.10 -0.64 20.41
N ASP A 129 -5.67 -1.62 21.22
CA ASP A 129 -5.26 -2.94 20.72
C ASP A 129 -6.41 -3.52 19.87
N TYR A 130 -7.65 -3.54 20.42
CA TYR A 130 -8.77 -4.08 19.66
C TYR A 130 -8.96 -3.32 18.32
N ASP A 131 -8.88 -1.96 18.34
CA ASP A 131 -9.06 -1.14 17.13
C ASP A 131 -7.98 -1.46 16.08
N ILE A 132 -6.71 -1.64 16.51
CA ILE A 132 -5.65 -1.99 15.56
C ILE A 132 -5.99 -3.31 14.86
N ARG A 133 -6.43 -4.33 15.62
CA ARG A 133 -6.76 -5.62 15.01
C ARG A 133 -7.92 -5.47 14.05
N PHE A 134 -8.96 -4.75 14.50
CA PHE A 134 -10.17 -4.51 13.73
C PHE A 134 -9.84 -3.83 12.41
N TYR A 135 -9.05 -2.76 12.45
CA TYR A 135 -8.75 -2.01 11.23
C TYR A 135 -7.73 -2.69 10.35
N MET A 136 -6.77 -3.44 10.93
CA MET A 136 -5.86 -4.22 10.10
C MET A 136 -6.66 -5.25 9.28
N TYR A 137 -7.69 -5.87 9.90
CA TYR A 137 -8.53 -6.86 9.24
C TYR A 137 -9.25 -6.21 8.06
N GLU A 138 -9.75 -4.99 8.26
CA GLU A 138 -10.40 -4.22 7.18
C GLU A 138 -9.42 -3.89 6.02
N ILE A 139 -8.16 -3.57 6.33
CA ILE A 139 -7.17 -3.28 5.26
C ILE A 139 -6.92 -4.59 4.49
N LEU A 140 -6.85 -5.70 5.20
CA LEU A 140 -6.62 -6.99 4.56
C LEU A 140 -7.72 -7.36 3.58
N LYS A 141 -8.97 -6.98 3.88
CA LYS A 141 -10.06 -7.22 2.95
C LYS A 141 -9.80 -6.42 1.67
N ALA A 142 -9.36 -5.16 1.79
CA ALA A 142 -9.08 -4.32 0.62
C ALA A 142 -7.93 -4.90 -0.19
N LEU A 143 -6.84 -5.32 0.49
CA LEU A 143 -5.68 -5.87 -0.20
C LEU A 143 -5.95 -7.23 -0.87
N ASP A 144 -6.64 -8.14 -0.20
CA ASP A 144 -6.94 -9.40 -0.88
C ASP A 144 -7.85 -9.13 -2.08
N TYR A 145 -8.80 -8.18 -1.94
CA TYR A 145 -9.66 -7.90 -3.10
C TYR A 145 -8.83 -7.39 -4.28
N CYS A 146 -7.98 -6.36 -4.08
CA CYS A 146 -7.25 -5.84 -5.21
C CYS A 146 -6.22 -6.85 -5.77
N HIS A 147 -5.56 -7.64 -4.90
CA HIS A 147 -4.64 -8.68 -5.35
C HIS A 147 -5.38 -9.79 -6.17
N SER A 148 -6.60 -10.16 -5.71
CA SER A 148 -7.42 -11.19 -6.41
C SER A 148 -7.89 -10.68 -7.76
N MET A 149 -7.86 -9.36 -7.89
N MET A 149 -7.85 -9.36 -7.93
CA MET A 149 -8.25 -8.64 -9.11
CA MET A 149 -8.24 -8.68 -9.16
C MET A 149 -7.03 -8.30 -9.98
C MET A 149 -7.03 -8.42 -10.07
N GLY A 150 -5.87 -8.90 -9.64
CA GLY A 150 -4.65 -8.77 -10.45
C GLY A 150 -4.00 -7.41 -10.36
N ILE A 151 -4.21 -6.71 -9.21
CA ILE A 151 -3.66 -5.37 -8.98
C ILE A 151 -2.86 -5.29 -7.71
N MET A 152 -1.72 -4.62 -7.79
CA MET A 152 -0.94 -4.31 -6.59
C MET A 152 -1.03 -2.79 -6.32
N HIS A 153 -1.20 -2.41 -5.04
CA HIS A 153 -1.38 -1.01 -4.65
C HIS A 153 -0.06 -0.23 -4.78
N ARG A 154 1.01 -0.76 -4.19
CA ARG A 154 2.39 -0.19 -4.25
C ARG A 154 2.58 1.12 -3.49
N ASP A 155 1.59 1.54 -2.68
CA ASP A 155 1.77 2.76 -1.88
C ASP A 155 0.99 2.62 -0.59
N VAL A 156 1.09 1.43 0.04
CA VAL A 156 0.40 1.23 1.31
C VAL A 156 1.19 1.98 2.42
N LYS A 157 0.49 2.88 3.11
CA LYS A 157 1.02 3.72 4.14
C LYS A 157 -0.18 4.38 4.86
N PRO A 158 0.12 4.86 6.12
CA PRO A 158 -1.02 5.41 6.88
C PRO A 158 -1.88 6.51 6.23
N HIS A 159 -1.25 7.43 5.55
CA HIS A 159 -1.97 8.49 4.91
C HIS A 159 -2.83 8.00 3.79
N ASN A 160 -2.59 6.78 3.32
CA ASN A 160 -3.42 6.22 2.26
C ASN A 160 -4.52 5.30 2.78
N VAL A 161 -4.69 5.28 4.08
CA VAL A 161 -5.75 4.46 4.67
C VAL A 161 -6.65 5.36 5.50
N MET A 162 -7.72 5.76 5.00
N MET A 162 -7.72 5.76 5.00
CA MET A 162 -8.67 6.70 5.63
CA MET A 162 -8.62 6.68 5.69
C MET A 162 -9.64 6.00 6.58
C MET A 162 -9.57 5.97 6.63
N ILE A 163 -9.79 6.63 7.89
CA ILE A 163 -10.74 6.01 8.74
C ILE A 163 -11.71 7.06 9.27
N ASP A 164 -12.98 6.73 9.21
CA ASP A 164 -14.06 7.52 9.79
C ASP A 164 -14.37 6.66 11.01
N HIS A 165 -13.69 6.95 12.13
CA HIS A 165 -13.73 6.16 13.35
C HIS A 165 -15.13 6.06 14.00
N GLU A 166 -15.98 7.09 13.82
CA GLU A 166 -17.35 7.15 14.33
C GLU A 166 -18.19 6.02 13.74
N HIS A 167 -18.01 5.77 12.44
CA HIS A 167 -18.75 4.75 11.69
C HIS A 167 -17.96 3.46 11.45
N ARG A 168 -16.73 3.37 12.03
CA ARG A 168 -15.85 2.19 11.92
C ARG A 168 -15.68 1.81 10.42
N LYS A 169 -15.52 2.86 9.61
CA LYS A 169 -15.46 2.81 8.15
C LYS A 169 -14.03 3.12 7.72
N LEU A 170 -13.47 2.23 6.90
CA LEU A 170 -12.11 2.34 6.39
C LEU A 170 -12.12 2.37 4.87
N ARG A 171 -11.22 3.17 4.28
CA ARG A 171 -11.04 3.15 2.83
C ARG A 171 -9.58 3.25 2.48
N LEU A 172 -9.16 2.41 1.52
CA LEU A 172 -7.83 2.41 0.93
C LEU A 172 -7.88 3.37 -0.27
N ILE A 173 -7.10 4.43 -0.20
CA ILE A 173 -7.11 5.47 -1.22
C ILE A 173 -5.77 5.55 -2.01
N ASP A 174 -5.72 6.53 -2.95
CA ASP A 174 -4.56 6.93 -3.74
C ASP A 174 -3.97 5.78 -4.50
N TRP A 175 -4.67 5.43 -5.56
CA TRP A 175 -4.34 4.34 -6.47
C TRP A 175 -3.47 4.79 -7.64
N GLY A 176 -2.87 5.97 -7.51
CA GLY A 176 -2.01 6.54 -8.56
C GLY A 176 -0.73 5.79 -8.81
N LEU A 177 -0.25 4.97 -7.84
CA LEU A 177 0.94 4.16 -8.08
C LEU A 177 0.59 2.70 -8.36
N ALA A 178 -0.69 2.33 -8.28
CA ALA A 178 -1.15 0.95 -8.49
C ALA A 178 -0.85 0.44 -9.89
N GLU A 179 -0.59 -0.86 -9.99
CA GLU A 179 -0.27 -1.46 -11.28
C GLU A 179 -0.88 -2.88 -11.43
N PHE A 180 -1.12 -3.28 -12.66
CA PHE A 180 -1.58 -4.63 -12.95
C PHE A 180 -0.39 -5.57 -12.81
N TYR A 181 -0.59 -6.69 -12.09
CA TYR A 181 0.46 -7.69 -11.94
C TYR A 181 0.44 -8.68 -13.13
N HIS A 182 1.56 -8.80 -13.84
CA HIS A 182 1.71 -9.72 -14.96
C HIS A 182 2.94 -10.57 -14.66
N PRO A 183 2.82 -11.92 -14.52
CA PRO A 183 4.01 -12.71 -14.18
C PRO A 183 5.16 -12.47 -15.17
N GLY A 184 6.35 -12.33 -14.60
CA GLY A 184 7.60 -12.11 -15.33
C GLY A 184 7.86 -10.68 -15.71
N GLN A 185 6.92 -9.79 -15.47
CA GLN A 185 7.10 -8.34 -15.75
C GLN A 185 8.10 -7.70 -14.79
N GLU A 186 8.98 -6.86 -15.36
CA GLU A 186 9.92 -6.07 -14.55
C GLU A 186 9.29 -4.72 -14.30
N TYR A 187 9.16 -4.34 -13.01
CA TYR A 187 8.50 -3.11 -12.61
C TYR A 187 9.50 -2.09 -12.13
N ASN A 188 9.07 -0.86 -12.08
CA ASN A 188 9.89 0.25 -11.59
C ASN A 188 9.98 0.11 -10.06
N VAL A 189 11.19 0.19 -9.50
CA VAL A 189 11.40 0.06 -8.05
C VAL A 189 11.17 1.39 -7.30
N ARG A 190 11.01 2.51 -8.05
CA ARG A 190 10.76 3.82 -7.46
C ARG A 190 9.25 3.97 -7.18
N VAL A 191 8.75 3.14 -6.24
CA VAL A 191 7.37 3.10 -5.79
C VAL A 191 7.37 3.09 -4.25
N ALA A 192 6.18 3.29 -3.63
CA ALA A 192 6.02 3.35 -2.16
C ALA A 192 6.86 4.48 -1.52
N SER A 193 6.45 4.92 -0.34
CA SER A 193 7.20 5.93 0.39
C SER A 193 8.41 5.28 1.02
N ARG A 194 9.51 6.05 1.21
CA ARG A 194 10.77 5.52 1.78
C ARG A 194 10.60 4.55 2.95
N TYR A 195 9.85 4.92 4.04
CA TYR A 195 9.79 4.04 5.22
C TYR A 195 9.03 2.73 4.99
N PHE A 196 8.29 2.63 3.88
CA PHE A 196 7.43 1.49 3.60
C PHE A 196 7.94 0.65 2.42
N LYS A 197 9.11 1.03 1.87
CA LYS A 197 9.70 0.33 0.74
C LYS A 197 10.20 -1.03 1.15
N GLY A 198 9.76 -2.04 0.40
CA GLY A 198 10.18 -3.43 0.61
C GLY A 198 11.65 -3.63 0.27
N PRO A 199 12.32 -4.62 0.93
CA PRO A 199 13.73 -4.92 0.58
C PRO A 199 13.92 -5.15 -0.91
N GLU A 200 12.91 -5.72 -1.61
CA GLU A 200 13.00 -5.95 -3.06
C GLU A 200 13.28 -4.64 -3.82
N LEU A 201 12.63 -3.54 -3.40
CA LEU A 201 12.82 -2.23 -3.99
C LEU A 201 14.21 -1.70 -3.66
N LEU A 202 14.64 -1.88 -2.42
CA LEU A 202 15.91 -1.34 -1.94
C LEU A 202 17.13 -2.01 -2.53
N VAL A 203 16.98 -3.28 -2.99
CA VAL A 203 18.05 -4.06 -3.59
C VAL A 203 17.95 -4.05 -5.11
N ASP A 204 16.97 -3.30 -5.65
CA ASP A 204 16.73 -3.09 -7.09
C ASP A 204 16.32 -4.39 -7.82
N TYR A 205 15.48 -5.21 -7.15
CA TYR A 205 14.91 -6.42 -7.73
C TYR A 205 13.55 -6.06 -8.35
N GLN A 206 13.50 -6.00 -9.68
CA GLN A 206 12.32 -5.54 -10.40
C GLN A 206 11.15 -6.50 -10.58
N MET A 207 11.38 -7.83 -10.46
CA MET A 207 10.30 -8.79 -10.72
C MET A 207 9.48 -9.07 -9.46
N TYR A 208 8.95 -8.00 -8.85
CA TYR A 208 8.18 -8.11 -7.60
C TYR A 208 6.67 -8.28 -7.85
N ASP A 209 5.87 -8.40 -6.77
CA ASP A 209 4.46 -8.71 -6.95
C ASP A 209 3.63 -8.15 -5.80
N TYR A 210 2.41 -8.67 -5.64
CA TYR A 210 1.51 -8.23 -4.58
C TYR A 210 2.14 -8.20 -3.17
N SER A 211 3.09 -9.13 -2.89
CA SER A 211 3.74 -9.28 -1.60
C SER A 211 4.46 -7.97 -1.12
N LEU A 212 4.75 -7.04 -2.06
CA LEU A 212 5.32 -5.74 -1.67
C LEU A 212 4.33 -5.03 -0.69
N ASP A 213 3.01 -5.11 -0.97
CA ASP A 213 1.98 -4.48 -0.14
C ASP A 213 1.95 -5.07 1.24
N MET A 214 2.35 -6.31 1.38
CA MET A 214 2.32 -6.97 2.67
C MET A 214 3.49 -6.53 3.58
N TRP A 215 4.61 -6.22 2.94
CA TRP A 215 5.75 -5.67 3.68
C TRP A 215 5.30 -4.26 4.22
N SER A 216 4.77 -3.44 3.34
CA SER A 216 4.35 -2.11 3.71
C SER A 216 3.37 -2.17 4.86
N LEU A 217 2.40 -3.07 4.77
CA LEU A 217 1.44 -3.28 5.86
C LEU A 217 2.16 -3.66 7.16
N GLY A 218 3.18 -4.53 7.06
CA GLY A 218 3.98 -4.90 8.23
C GLY A 218 4.64 -3.66 8.85
N CYS A 219 5.17 -2.72 8.02
CA CYS A 219 5.79 -1.48 8.53
C CYS A 219 4.75 -0.64 9.29
N MET A 220 3.53 -0.58 8.73
N MET A 220 3.55 -0.63 8.76
CA MET A 220 2.46 0.18 9.41
CA MET A 220 2.49 0.13 9.42
C MET A 220 2.14 -0.45 10.77
C MET A 220 2.15 -0.48 10.78
N LEU A 221 1.97 -1.78 10.79
CA LEU A 221 1.66 -2.50 12.01
C LEU A 221 2.74 -2.29 13.08
N ALA A 222 4.02 -2.50 12.69
CA ALA A 222 5.14 -2.33 13.62
C ALA A 222 5.11 -0.94 14.28
N SER A 223 4.91 0.12 13.46
CA SER A 223 4.88 1.49 13.96
C SER A 223 3.72 1.68 14.97
N MET A 224 2.56 1.10 14.67
CA MET A 224 1.42 1.18 15.58
C MET A 224 1.58 0.47 16.91
N ILE A 225 2.00 -0.81 16.88
CA ILE A 225 2.08 -1.65 18.09
C ILE A 225 3.27 -1.25 18.97
N PHE A 226 4.40 -0.86 18.36
CA PHE A 226 5.59 -0.47 19.11
C PHE A 226 5.67 1.01 19.45
N ARG A 227 4.77 1.86 18.88
CA ARG A 227 4.76 3.30 19.17
C ARG A 227 6.07 3.95 18.71
N LYS A 228 6.43 3.68 17.47
CA LYS A 228 7.65 4.17 16.87
C LYS A 228 7.29 4.56 15.46
N GLU A 229 7.34 5.84 15.20
CA GLU A 229 6.92 6.37 13.97
C GLU A 229 8.04 7.07 13.22
N PRO A 230 8.63 6.57 12.06
CA PRO A 230 8.23 5.27 11.48
C PRO A 230 9.01 4.11 12.14
N PHE A 231 8.69 2.86 11.86
CA PHE A 231 9.44 1.80 12.51
C PHE A 231 10.89 1.73 11.98
N PHE A 232 11.06 1.72 10.64
CA PHE A 232 12.36 1.69 9.99
C PHE A 232 12.61 3.11 9.47
N HIS A 233 13.44 3.87 10.24
CA HIS A 233 13.66 5.28 9.98
C HIS A 233 14.97 5.59 9.22
N GLY A 234 15.00 5.28 7.94
CA GLY A 234 16.20 5.54 7.14
C GLY A 234 16.34 6.99 6.74
N HIS A 235 17.58 7.47 6.71
CA HIS A 235 17.87 8.84 6.28
C HIS A 235 17.76 8.98 4.74
N ASP A 236 17.93 7.86 4.01
CA ASP A 236 17.81 7.78 2.55
C ASP A 236 17.51 6.30 2.18
N ASN A 237 17.39 5.93 0.85
CA ASN A 237 17.06 4.56 0.44
C ASN A 237 18.14 3.54 0.83
N TYR A 238 19.40 3.97 0.98
CA TYR A 238 20.47 3.06 1.37
C TYR A 238 20.43 2.80 2.85
N ASP A 239 20.35 3.87 3.65
CA ASP A 239 20.29 3.71 5.10
C ASP A 239 18.98 3.01 5.50
N GLN A 240 17.93 3.11 4.65
CA GLN A 240 16.65 2.39 4.89
C GLN A 240 16.89 0.88 4.97
N LEU A 241 17.72 0.33 4.04
CA LEU A 241 18.06 -1.09 4.09
C LEU A 241 18.92 -1.43 5.33
N VAL A 242 19.84 -0.52 5.74
CA VAL A 242 20.65 -0.76 6.95
C VAL A 242 19.76 -0.81 8.20
N ARG A 243 18.76 0.09 8.27
CA ARG A 243 17.81 0.13 9.38
C ARG A 243 17.06 -1.20 9.50
N ILE A 244 16.65 -1.75 8.34
CA ILE A 244 15.96 -3.06 8.29
C ILE A 244 16.92 -4.15 8.76
N ALA A 245 18.16 -4.14 8.22
CA ALA A 245 19.18 -5.14 8.55
C ALA A 245 19.55 -5.15 10.05
N LYS A 246 19.45 -3.99 10.72
CA LYS A 246 19.69 -3.90 12.17
C LYS A 246 18.62 -4.64 13.00
N VAL A 247 17.50 -4.92 12.37
CA VAL A 247 16.42 -5.66 12.99
C VAL A 247 16.40 -7.10 12.45
N LEU A 248 16.25 -7.30 11.22
N LEU A 248 16.26 -7.29 11.21
CA LEU A 248 16.12 -8.65 10.65
CA LEU A 248 16.12 -8.62 10.60
C LEU A 248 17.45 -9.41 10.53
C LEU A 248 17.44 -9.38 10.45
N GLY A 249 18.46 -8.72 10.63
CA GLY A 249 19.85 -9.15 10.49
C GLY A 249 20.46 -9.22 9.11
N THR A 250 21.78 -9.33 9.03
CA THR A 250 22.41 -9.35 7.71
C THR A 250 22.47 -10.74 7.03
N GLU A 251 22.52 -11.83 7.82
CA GLU A 251 22.62 -13.19 7.25
C GLU A 251 21.45 -13.54 6.38
N ASP A 252 20.21 -13.25 6.87
CA ASP A 252 19.02 -13.52 6.06
C ASP A 252 18.96 -12.61 4.84
N LEU A 253 19.57 -11.39 4.93
CA LEU A 253 19.63 -10.47 3.79
C LEU A 253 20.55 -11.05 2.70
N TYR A 254 21.72 -11.57 3.10
CA TYR A 254 22.63 -12.20 2.14
C TYR A 254 22.02 -13.47 1.57
N ASP A 255 21.24 -14.22 2.38
CA ASP A 255 20.57 -15.41 1.86
C ASP A 255 19.56 -15.01 0.78
N TYR A 256 18.82 -13.91 1.00
CA TYR A 256 17.81 -13.36 0.07
C TYR A 256 18.42 -12.97 -1.26
N ILE A 257 19.50 -12.14 -1.22
CA ILE A 257 20.13 -11.72 -2.47
C ILE A 257 20.80 -12.93 -3.18
N ASP A 258 21.32 -13.91 -2.40
CA ASP A 258 21.92 -15.13 -3.00
C ASP A 258 20.86 -15.94 -3.74
N LYS A 259 19.69 -16.15 -3.11
CA LYS A 259 18.56 -16.86 -3.72
C LYS A 259 18.17 -16.30 -5.09
N TYR A 260 18.05 -14.98 -5.19
CA TYR A 260 17.62 -14.32 -6.41
C TYR A 260 18.77 -13.88 -7.30
N ASN A 261 20.02 -14.27 -6.92
CA ASN A 261 21.22 -13.98 -7.73
C ASN A 261 21.34 -12.47 -8.00
N ILE A 262 21.03 -11.66 -6.96
CA ILE A 262 21.06 -10.19 -6.99
C ILE A 262 22.45 -9.76 -6.56
N GLU A 263 22.94 -8.69 -7.15
CA GLU A 263 24.21 -8.09 -6.74
C GLU A 263 23.86 -6.82 -5.99
N LEU A 264 24.28 -6.74 -4.75
CA LEU A 264 24.01 -5.58 -3.94
C LEU A 264 24.87 -4.43 -4.49
N ASP A 265 24.32 -3.22 -4.53
CA ASP A 265 25.04 -2.02 -4.95
C ASP A 265 26.32 -1.95 -4.07
N PRO A 266 27.52 -1.78 -4.66
CA PRO A 266 28.76 -1.74 -3.83
C PRO A 266 28.80 -0.67 -2.73
N ARG A 267 27.94 0.39 -2.78
CA ARG A 267 27.84 1.42 -1.72
C ARG A 267 27.53 0.74 -0.37
N PHE A 268 26.86 -0.45 -0.43
CA PHE A 268 26.50 -1.18 0.80
C PHE A 268 27.68 -1.84 1.51
N ASN A 269 28.83 -2.03 0.84
CA ASN A 269 30.00 -2.70 1.44
C ASN A 269 30.53 -2.05 2.72
N ASP A 270 30.54 -0.72 2.81
CA ASP A 270 31.05 -0.07 4.01
C ASP A 270 29.97 0.49 4.97
N ILE A 271 28.67 0.25 4.70
CA ILE A 271 27.61 0.80 5.58
C ILE A 271 26.71 -0.28 6.23
N LEU A 272 26.60 -1.46 5.60
CA LEU A 272 25.74 -2.52 6.06
C LEU A 272 26.15 -3.16 7.38
N GLY A 273 27.44 -3.41 7.57
CA GLY A 273 27.95 -4.08 8.77
C GLY A 273 27.48 -5.51 8.91
N ARG A 274 27.61 -6.08 10.12
CA ARG A 274 27.18 -7.44 10.44
C ARG A 274 26.23 -7.35 11.62
N HIS A 275 24.96 -7.76 11.42
CA HIS A 275 23.97 -7.67 12.49
C HIS A 275 23.25 -8.98 12.64
N SER A 276 22.92 -9.30 13.88
CA SER A 276 22.17 -10.51 14.14
C SER A 276 20.71 -10.10 14.08
N ARG A 277 19.85 -11.07 13.79
CA ARG A 277 18.42 -10.85 13.80
C ARG A 277 18.01 -10.63 15.26
N LYS A 278 17.15 -9.65 15.50
CA LYS A 278 16.74 -9.35 16.87
C LYS A 278 15.43 -10.04 17.19
N ARG A 279 15.18 -10.36 18.47
CA ARG A 279 13.88 -10.95 18.84
C ARG A 279 12.90 -9.80 18.98
N TRP A 280 11.65 -9.98 18.53
CA TRP A 280 10.68 -8.87 18.54
C TRP A 280 10.45 -8.28 19.94
N GLU A 281 10.65 -9.07 20.99
CA GLU A 281 10.48 -8.64 22.40
C GLU A 281 11.44 -7.47 22.77
N ARG A 282 12.47 -7.26 21.98
CA ARG A 282 13.46 -6.18 22.24
C ARG A 282 12.82 -4.80 22.05
N PHE A 283 11.73 -4.70 21.28
CA PHE A 283 11.08 -3.42 20.99
C PHE A 283 9.93 -3.09 21.96
N VAL A 284 9.64 -4.01 22.89
CA VAL A 284 8.56 -3.88 23.90
C VAL A 284 9.07 -3.07 25.06
N HIS A 285 8.25 -2.14 25.55
CA HIS A 285 8.57 -1.29 26.70
C HIS A 285 7.26 -0.89 27.38
N SER A 286 7.33 -0.20 28.53
CA SER A 286 6.13 0.08 29.30
C SER A 286 5.09 0.96 28.58
N GLU A 287 5.52 1.77 27.61
CA GLU A 287 4.65 2.65 26.83
C GLU A 287 3.96 1.98 25.62
N ASN A 288 4.36 0.74 25.24
CA ASN A 288 3.67 0.05 24.13
C ASN A 288 3.16 -1.34 24.56
N GLN A 289 3.39 -1.76 25.82
CA GLN A 289 2.98 -3.10 26.31
C GLN A 289 1.50 -3.38 26.03
N HIS A 290 0.66 -2.34 26.15
CA HIS A 290 -0.80 -2.46 25.97
C HIS A 290 -1.22 -2.82 24.53
N LEU A 291 -0.29 -2.73 23.56
CA LEU A 291 -0.60 -3.02 22.15
C LEU A 291 0.08 -4.29 21.64
N VAL A 292 0.95 -4.87 22.48
CA VAL A 292 1.70 -6.03 22.12
C VAL A 292 1.13 -7.29 22.77
N SER A 293 1.21 -8.39 22.02
CA SER A 293 0.79 -9.70 22.42
C SER A 293 1.62 -10.74 21.64
N PRO A 294 1.69 -12.00 22.11
CA PRO A 294 2.44 -13.00 21.35
C PRO A 294 1.86 -13.17 19.92
N GLU A 295 0.50 -13.08 19.77
CA GLU A 295 -0.14 -13.17 18.44
C GLU A 295 0.29 -11.97 17.55
N ALA A 296 0.36 -10.73 18.11
CA ALA A 296 0.78 -9.57 17.31
C ALA A 296 2.20 -9.76 16.80
N LEU A 297 3.10 -10.18 17.71
CA LEU A 297 4.49 -10.39 17.34
C LEU A 297 4.68 -11.51 16.29
N ASP A 298 3.92 -12.62 16.42
CA ASP A 298 3.99 -13.72 15.44
C ASP A 298 3.50 -13.23 14.06
N PHE A 299 2.40 -12.46 14.06
CA PHE A 299 1.83 -11.91 12.83
C PHE A 299 2.84 -10.99 12.15
N LEU A 300 3.39 -10.07 12.91
CA LEU A 300 4.37 -9.15 12.37
C LEU A 300 5.56 -9.88 11.79
N ASP A 301 6.04 -10.88 12.50
CA ASP A 301 7.16 -11.65 12.06
C ASP A 301 6.98 -12.30 10.69
N LYS A 302 5.74 -12.64 10.39
CA LYS A 302 5.40 -13.32 9.15
C LYS A 302 5.15 -12.35 7.99
N LEU A 303 5.08 -11.05 8.31
CA LEU A 303 4.93 -10.06 7.27
C LEU A 303 6.28 -9.49 6.91
N LEU A 304 7.06 -9.24 7.93
CA LEU A 304 8.35 -8.61 7.75
C LEU A 304 9.49 -9.57 7.49
N ARG A 305 9.51 -10.08 6.29
CA ARG A 305 10.52 -11.02 5.84
C ARG A 305 11.17 -10.50 4.58
N TYR A 306 12.48 -10.67 4.50
CA TYR A 306 13.17 -10.19 3.34
C TYR A 306 12.59 -10.89 2.07
N ASP A 307 12.54 -12.21 2.11
CA ASP A 307 12.05 -12.93 0.92
C ASP A 307 10.56 -12.73 0.69
N HIS A 308 10.31 -12.01 -0.37
CA HIS A 308 8.98 -11.66 -0.72
C HIS A 308 8.03 -12.84 -0.92
N GLN A 309 8.59 -13.95 -1.33
CA GLN A 309 7.83 -15.16 -1.58
C GLN A 309 7.46 -15.87 -0.28
N SER A 310 8.08 -15.51 0.82
N SER A 310 8.06 -15.51 0.83
CA SER A 310 7.89 -16.11 2.13
CA SER A 310 7.82 -16.16 2.11
C SER A 310 6.94 -15.34 3.05
C SER A 310 6.82 -15.41 3.00
N ARG A 311 6.46 -14.22 2.64
CA ARG A 311 5.57 -13.42 3.44
C ARG A 311 4.16 -13.95 3.36
N LEU A 312 3.39 -13.70 4.39
CA LEU A 312 2.00 -14.10 4.33
C LEU A 312 1.29 -13.36 3.20
N THR A 313 0.37 -14.05 2.51
CA THR A 313 -0.50 -13.36 1.54
C THR A 313 -1.63 -12.68 2.35
N ALA A 314 -2.41 -11.78 1.71
CA ALA A 314 -3.47 -11.11 2.47
C ALA A 314 -4.48 -12.12 3.00
N ARG A 315 -4.84 -13.13 2.17
CA ARG A 315 -5.81 -14.13 2.60
C ARG A 315 -5.26 -14.99 3.74
N GLU A 316 -3.98 -15.39 3.68
CA GLU A 316 -3.40 -16.16 4.81
C GLU A 316 -3.37 -15.28 6.07
N ALA A 317 -3.00 -14.00 5.91
CA ALA A 317 -2.96 -13.07 7.06
C ALA A 317 -4.31 -13.00 7.77
N MET A 318 -5.43 -13.07 7.02
CA MET A 318 -6.77 -13.03 7.62
C MET A 318 -7.08 -14.24 8.52
N GLU A 319 -6.36 -15.36 8.29
CA GLU A 319 -6.53 -16.59 9.06
C GLU A 319 -5.76 -16.51 10.39
N HIS A 320 -4.89 -15.48 10.57
CA HIS A 320 -4.00 -15.47 11.74
C HIS A 320 -4.71 -15.31 13.09
N PRO A 321 -4.20 -16.03 14.14
CA PRO A 321 -4.74 -15.87 15.50
C PRO A 321 -4.86 -14.41 16.00
N TYR A 322 -4.02 -13.48 15.52
CA TYR A 322 -4.13 -12.09 15.90
C TYR A 322 -5.56 -11.52 15.73
N PHE A 323 -6.29 -12.06 14.75
CA PHE A 323 -7.66 -11.59 14.45
C PHE A 323 -8.78 -12.41 15.11
N TYR A 324 -8.45 -13.46 15.89
CA TYR A 324 -9.50 -14.27 16.51
C TYR A 324 -10.41 -13.45 17.43
N THR A 325 -9.88 -12.39 18.05
CA THR A 325 -10.69 -11.56 18.96
C THR A 325 -11.61 -10.58 18.23
N VAL A 326 -11.36 -10.37 16.93
CA VAL A 326 -12.14 -9.42 16.12
C VAL A 326 -13.53 -9.98 15.79
N VAL A 327 -14.59 -9.20 16.09
CA VAL A 327 -15.96 -9.62 15.79
C VAL A 327 -16.17 -9.68 14.29
N LYS A 328 -16.58 -10.85 13.78
CA LYS A 328 -16.90 -11.11 12.38
C LYS A 328 -18.33 -11.61 12.23
C ACT B . 5.41 3.88 -11.99
O ACT B . 5.33 2.71 -12.41
OXT ACT B . 4.44 4.58 -11.55
CH3 ACT B . 6.81 4.53 -12.00
C ACT C . -17.30 -0.84 0.40
O ACT C . -16.94 -0.09 -0.58
OXT ACT C . -16.58 -1.15 1.40
CH3 ACT C . -18.72 -1.44 0.34
C ACT D . -13.53 20.60 -11.33
O ACT D . -12.44 20.05 -11.63
OXT ACT D . -13.80 21.83 -11.47
CH3 ACT D . -14.62 19.70 -10.74
C ACT E . 9.72 7.20 -4.52
O ACT E . 10.61 6.34 -4.81
OXT ACT E . 9.68 7.88 -3.46
CH3 ACT E . 8.59 7.44 -5.55
C ACT F . -11.20 -16.91 -15.17
O ACT F . -10.11 -16.42 -14.79
OXT ACT F . -11.34 -17.88 -15.98
CH3 ACT F . -12.48 -16.30 -14.57
C ACT G . 4.74 -18.83 1.02
O ACT G . 4.18 -18.02 0.26
OXT ACT G . 4.40 -18.93 2.22
CH3 ACT G . 5.57 -19.92 0.42
C4 LVF H . -3.87 5.82 9.80
C5 LVF H . -3.38 5.22 10.91
C6 LVF H . -2.41 5.74 11.82
C7 LVF H . -1.12 5.11 11.68
C8 LVF H . -3.91 3.89 10.90
C9 LVF H . -3.79 2.80 11.74
N LVF H . -4.64 4.97 9.09
C2 LVF H . -5.34 2.58 9.43
C LVF H . -4.43 1.63 11.42
C3 LVF H . -4.69 3.77 9.74
N1 LVF H . -0.16 4.56 11.64
CL LVF H . -4.34 0.28 12.52
C1 LVF H . -5.18 1.49 10.28
PG ATP I . 1.03 11.74 1.17
O1G ATP I . 2.16 12.08 0.22
O2G ATP I . 1.43 11.46 2.58
O3G ATP I . 0.18 10.75 0.47
PB ATP I . -1.30 13.78 1.77
O1B ATP I . -1.89 13.42 3.07
O2B ATP I . -1.28 15.25 1.46
O3B ATP I . 0.22 13.15 1.51
PA ATP I . -2.90 14.29 -0.60
O1A ATP I . -3.13 13.37 -1.78
O2A ATP I . -2.29 15.61 -0.87
O3A ATP I . -2.09 13.32 0.41
O5' ATP I . -4.25 14.60 0.18
C5' ATP I . -4.72 15.88 0.63
C4' ATP I . -5.89 15.67 1.55
O4' ATP I . -6.95 14.97 0.89
C3' ATP I . -5.47 14.71 2.63
O3' ATP I . -5.76 15.17 3.91
C2' ATP I . -6.32 13.46 2.40
O2' ATP I . -6.69 12.83 3.61
C1' ATP I . -7.55 14.01 1.72
N9 ATP I . -8.37 13.02 0.97
C8 ATP I . -8.00 12.29 -0.07
N7 ATP I . -9.03 11.53 -0.47
C5 ATP I . -10.06 11.75 0.31
C6 ATP I . -11.44 11.26 0.43
N6 ATP I . -11.92 10.36 -0.40
N1 ATP I . -12.23 11.76 1.40
C2 ATP I . -11.75 12.66 2.24
N3 ATP I . -10.52 13.15 2.17
C4 ATP I . -9.61 12.73 1.27
#